data_1YFM
#
_entry.id   1YFM
#
_cell.length_a   95.190
_cell.length_b   95.190
_cell.length_c   100.560
_cell.angle_alpha   90.00
_cell.angle_beta   90.00
_cell.angle_gamma   90.00
#
_symmetry.space_group_name_H-M   'P 42 21 2'
#
_entity_poly.entity_id   1
_entity_poly.type   'polypeptide(L)'
_entity_poly.pdbx_seq_one_letter_code
;MLRFTNCSCKTFVKSSYKLNIRRMNSSFRTETDAFGEIHVPADKYWGAQTQRSFQNFKIGGARERMPLPLVHAFGVLKKS
AAIVNESLGGLDPKISKAIQQAADEVASGKLDDHFPLVVFQTGSGTQSNMNANEVISNRAIEILGGKIGSKQVHPNNHCN
QSQSSNDTFPTVMHIAASLQIQNELIPELTNLKNALEAKSKEFDHIVKIGRTHLQDATPLTLGQEFSGYVQQVENGIQRV
AHSLKTLSFLAQGGTAVGTGLNTKPGFDVKIAEQISKETGLKFQTAPNRFEALAAHDAIVECSGALNTLACSLFKIAQDI
RYLGSGPRCGYHELMLPENEPGSSIMPGKVNPTQNEALTQVCVQVMGNNAAITFAGSQGQFELNVFKPVMIANLLNSIRL
ITDAAYSFRVHCVEGIKANEPRIHELLTKSLMLVTALNPKIGYDAASKVAKNAHKKGITLKESALELGVLTEKEFDEWVV
PEHMLGPK
;
_entity_poly.pdbx_strand_id   A
#
# COMPACT_ATOMS: atom_id res chain seq x y z
N SER A 27 -20.61 2.76 36.01
CA SER A 27 -19.54 2.86 37.04
C SER A 27 -18.30 3.56 36.53
N PHE A 28 -17.69 4.34 37.42
CA PHE A 28 -16.49 5.08 37.08
C PHE A 28 -15.41 4.86 38.12
N ARG A 29 -14.42 5.72 38.08
CA ARG A 29 -13.30 5.64 38.99
C ARG A 29 -12.61 6.98 38.96
N THR A 30 -12.78 7.73 40.03
CA THR A 30 -12.18 9.04 40.15
C THR A 30 -10.66 8.88 40.11
N GLU A 31 -10.01 9.83 39.44
CA GLU A 31 -8.57 9.83 39.32
C GLU A 31 -8.08 11.29 39.31
N THR A 32 -6.70 11.54 39.39
CA THR A 32 -6.13 12.87 39.47
C THR A 32 -5.06 13.06 38.41
N ASP A 33 -4.74 14.33 38.00
CA ASP A 33 -3.66 14.67 37.11
C ASP A 33 -2.98 15.99 37.50
N ALA A 34 -3.74 17.07 37.45
CA ALA A 34 -3.25 18.41 37.76
C ALA A 34 -4.44 19.36 37.69
N PHE A 35 -5.23 19.21 36.61
CA PHE A 35 -6.42 20.01 36.42
C PHE A 35 -7.52 19.48 37.34
N GLY A 36 -7.12 18.59 38.24
CA GLY A 36 -8.04 18.04 39.22
C GLY A 36 -8.67 16.68 39.01
N GLU A 37 -9.85 16.55 39.63
CA GLU A 37 -10.69 15.35 39.63
C GLU A 37 -11.39 15.09 38.30
N ILE A 38 -11.56 13.82 37.96
CA ILE A 38 -12.22 13.42 36.71
C ILE A 38 -12.68 11.97 36.76
N HIS A 39 -13.90 11.72 36.27
CA HIS A 39 -14.42 10.37 36.26
C HIS A 39 -13.97 9.53 35.09
N VAL A 40 -13.12 8.56 35.40
CA VAL A 40 -12.58 7.61 34.43
C VAL A 40 -13.38 6.31 34.52
N PRO A 41 -13.87 5.77 33.38
CA PRO A 41 -14.62 4.52 33.37
C PRO A 41 -13.95 3.47 34.24
N ALA A 42 -14.75 2.66 34.92
CA ALA A 42 -14.22 1.64 35.81
C ALA A 42 -13.38 0.56 35.15
N ASP A 43 -13.87 0.04 34.03
CA ASP A 43 -13.21 -1.04 33.30
C ASP A 43 -12.06 -0.71 32.35
N LYS A 44 -11.82 0.56 32.10
CA LYS A 44 -10.74 0.96 31.20
C LYS A 44 -9.41 1.20 31.92
N TYR A 45 -8.31 0.92 31.24
CA TYR A 45 -6.96 1.05 31.81
C TYR A 45 -6.28 2.43 31.72
N TRP A 46 -6.92 3.41 31.09
CA TRP A 46 -6.32 4.74 30.94
C TRP A 46 -6.52 5.66 32.13
N GLY A 47 -5.80 6.79 32.10
CA GLY A 47 -5.91 7.74 33.19
C GLY A 47 -6.63 9.02 32.86
N ALA A 48 -6.43 10.02 33.71
CA ALA A 48 -7.08 11.31 33.54
C ALA A 48 -6.78 11.98 32.20
N GLN A 49 -5.51 12.24 31.92
CA GLN A 49 -5.10 12.89 30.68
C GLN A 49 -5.77 12.35 29.42
N THR A 50 -5.89 11.03 29.35
CA THR A 50 -6.52 10.38 28.20
C THR A 50 -8.00 10.69 28.23
N GLN A 51 -8.60 10.60 29.41
CA GLN A 51 -10.02 10.89 29.56
C GLN A 51 -10.36 12.35 29.21
N ARG A 52 -9.52 13.31 29.65
CA ARG A 52 -9.75 14.74 29.36
C ARG A 52 -9.59 15.08 27.88
N SER A 53 -8.60 14.48 27.23
CA SER A 53 -8.33 14.73 25.82
C SER A 53 -9.37 14.06 24.93
N PHE A 54 -9.89 12.93 25.41
CA PHE A 54 -10.91 12.14 24.69
C PHE A 54 -12.20 12.93 24.53
N GLN A 55 -12.45 13.83 25.48
CA GLN A 55 -13.64 14.66 25.49
C GLN A 55 -13.36 16.05 24.93
N ASN A 56 -12.14 16.26 24.44
CA ASN A 56 -11.79 17.56 23.87
C ASN A 56 -11.57 17.47 22.36
N PHE A 57 -11.19 16.28 21.89
CA PHE A 57 -10.95 16.08 20.49
C PHE A 57 -11.70 14.85 19.99
N LYS A 58 -13.02 15.01 19.80
CA LYS A 58 -13.83 13.91 19.33
C LYS A 58 -14.05 14.04 17.81
N ILE A 59 -13.11 14.69 17.14
CA ILE A 59 -13.18 14.93 15.71
C ILE A 59 -13.30 13.64 14.90
N GLY A 60 -14.33 13.56 14.08
CA GLY A 60 -14.52 12.40 13.23
C GLY A 60 -15.12 11.12 13.79
N GLY A 61 -15.27 11.02 15.10
CA GLY A 61 -15.86 9.81 15.65
C GLY A 61 -14.92 8.63 15.55
N ALA A 62 -15.43 7.46 15.94
CA ALA A 62 -14.68 6.21 15.96
C ALA A 62 -13.97 5.83 14.66
N ARG A 63 -14.41 6.37 13.53
CA ARG A 63 -13.76 6.06 12.27
C ARG A 63 -12.33 6.60 12.24
N GLU A 64 -12.11 7.74 12.92
CA GLU A 64 -10.78 8.35 12.94
C GLU A 64 -9.95 7.88 14.12
N ARG A 65 -10.45 6.89 14.84
CA ARG A 65 -9.75 6.35 16.00
C ARG A 65 -8.34 5.97 15.57
N MET A 66 -7.36 6.53 16.28
CA MET A 66 -5.93 6.30 16.04
C MET A 66 -5.62 4.90 15.49
N PRO A 67 -5.07 4.81 14.27
CA PRO A 67 -4.71 3.56 13.57
C PRO A 67 -4.03 2.53 14.48
N LEU A 68 -4.67 1.38 14.61
CA LEU A 68 -4.18 0.30 15.46
C LEU A 68 -2.71 -0.05 15.37
N PRO A 69 -2.18 -0.29 14.15
CA PRO A 69 -0.75 -0.62 14.05
C PRO A 69 0.19 0.42 14.69
N LEU A 70 -0.36 1.58 15.04
CA LEU A 70 0.40 2.65 15.69
C LEU A 70 0.37 2.37 17.19
N VAL A 71 -0.76 1.86 17.66
CA VAL A 71 -0.98 1.51 19.07
C VAL A 71 0.01 0.40 19.46
N HIS A 72 0.13 -0.61 18.59
CA HIS A 72 1.02 -1.75 18.77
C HIS A 72 2.46 -1.33 18.81
N ALA A 73 2.83 -0.35 17.99
CA ALA A 73 4.21 0.13 17.96
C ALA A 73 4.60 0.79 19.28
N PHE A 74 3.64 1.42 19.95
CA PHE A 74 3.90 2.04 21.25
C PHE A 74 4.34 0.96 22.25
N GLY A 75 3.76 -0.23 22.14
CA GLY A 75 4.13 -1.32 23.02
C GLY A 75 5.59 -1.66 22.83
N VAL A 76 5.96 -1.87 21.56
CA VAL A 76 7.33 -2.21 21.18
C VAL A 76 8.29 -1.14 21.71
N LEU A 77 7.91 0.12 21.55
CA LEU A 77 8.73 1.23 22.01
C LEU A 77 8.82 1.36 23.53
N LYS A 78 7.69 1.22 24.21
CA LYS A 78 7.65 1.34 25.65
C LYS A 78 8.33 0.13 26.30
N LYS A 79 8.13 -1.04 25.70
CA LYS A 79 8.77 -2.25 26.20
C LYS A 79 10.26 -2.04 26.06
N SER A 80 10.67 -1.57 24.88
CA SER A 80 12.07 -1.30 24.60
C SER A 80 12.60 -0.16 25.48
N ALA A 81 11.74 0.82 25.78
CA ALA A 81 12.13 1.96 26.62
C ALA A 81 12.50 1.42 27.99
N ALA A 82 11.77 0.40 28.43
CA ALA A 82 12.04 -0.21 29.72
C ALA A 82 13.42 -0.86 29.74
N ILE A 83 13.64 -1.84 28.86
CA ILE A 83 14.92 -2.57 28.75
C ILE A 83 16.14 -1.65 28.71
N VAL A 84 16.10 -0.66 27.82
CA VAL A 84 17.22 0.25 27.66
C VAL A 84 17.43 1.23 28.80
N ASN A 85 16.36 1.60 29.50
CA ASN A 85 16.51 2.52 30.64
C ASN A 85 16.93 1.74 31.88
N GLU A 86 16.56 0.45 31.92
CA GLU A 86 16.93 -0.41 33.05
C GLU A 86 18.43 -0.70 32.91
N SER A 87 18.90 -0.77 31.66
CA SER A 87 20.30 -1.00 31.33
C SER A 87 21.12 0.16 31.86
N LEU A 88 20.67 1.37 31.56
CA LEU A 88 21.34 2.58 32.00
C LEU A 88 21.14 2.80 33.51
N GLY A 89 20.57 1.78 34.18
CA GLY A 89 20.33 1.82 35.61
C GLY A 89 19.32 2.83 36.12
N GLY A 90 18.57 3.43 35.19
CA GLY A 90 17.59 4.43 35.58
C GLY A 90 16.30 3.93 36.19
N LEU A 91 16.03 2.62 36.07
CA LEU A 91 14.78 2.09 36.61
C LEU A 91 14.93 0.78 37.38
N ASP A 92 14.10 0.63 38.42
CA ASP A 92 14.08 -0.56 39.27
C ASP A 92 13.55 -1.77 38.49
N PRO A 93 14.32 -2.87 38.43
CA PRO A 93 13.99 -4.10 37.72
C PRO A 93 12.55 -4.63 37.91
N LYS A 94 12.03 -4.52 39.13
CA LYS A 94 10.67 -4.97 39.41
C LYS A 94 9.69 -4.19 38.54
N ILE A 95 9.84 -2.86 38.56
CA ILE A 95 8.99 -1.95 37.77
C ILE A 95 9.09 -2.29 36.28
N SER A 96 10.31 -2.56 35.83
CA SER A 96 10.60 -2.91 34.45
C SER A 96 9.87 -4.17 34.00
N LYS A 97 10.07 -5.27 34.72
CA LYS A 97 9.41 -6.54 34.37
C LYS A 97 7.90 -6.34 34.25
N ALA A 98 7.36 -5.39 35.01
CA ALA A 98 5.94 -5.08 34.99
C ALA A 98 5.55 -4.30 33.73
N ILE A 99 6.26 -3.20 33.47
CA ILE A 99 5.97 -2.39 32.30
C ILE A 99 6.15 -3.21 31.02
N GLN A 100 7.18 -4.06 30.98
CA GLN A 100 7.50 -4.89 29.83
C GLN A 100 6.37 -5.80 29.39
N GLN A 101 5.82 -6.52 30.35
CA GLN A 101 4.72 -7.44 30.08
C GLN A 101 3.49 -6.66 29.58
N ALA A 102 3.16 -5.58 30.27
CA ALA A 102 2.04 -4.71 29.93
C ALA A 102 2.23 -4.09 28.54
N ALA A 103 3.47 -3.65 28.27
CA ALA A 103 3.82 -3.05 26.99
C ALA A 103 3.67 -4.06 25.85
N ASP A 104 4.20 -5.26 26.05
CA ASP A 104 4.13 -6.31 25.03
C ASP A 104 2.71 -6.84 24.80
N GLU A 105 1.80 -6.56 25.75
CA GLU A 105 0.40 -6.96 25.63
C GLU A 105 -0.37 -5.95 24.76
N VAL A 106 0.25 -4.79 24.55
CA VAL A 106 -0.29 -3.76 23.70
C VAL A 106 0.15 -4.23 22.32
N ALA A 107 1.45 -4.45 22.16
CA ALA A 107 2.03 -4.93 20.91
C ALA A 107 1.30 -6.18 20.47
N SER A 108 0.81 -6.94 21.45
CA SER A 108 0.08 -8.19 21.20
C SER A 108 -1.29 -7.93 20.60
N GLY A 109 -1.96 -6.88 21.07
CA GLY A 109 -3.28 -6.53 20.57
C GLY A 109 -4.42 -6.85 21.53
N LYS A 110 -4.09 -7.08 22.80
CA LYS A 110 -5.09 -7.42 23.83
C LYS A 110 -5.72 -6.19 24.48
N LEU A 111 -4.95 -5.11 24.57
CA LEU A 111 -5.43 -3.88 25.19
C LEU A 111 -5.76 -2.80 24.17
N ASP A 112 -6.24 -3.19 22.99
CA ASP A 112 -6.61 -2.26 21.93
C ASP A 112 -7.78 -1.35 22.28
N ASP A 113 -8.75 -1.86 23.02
CA ASP A 113 -9.94 -1.09 23.42
C ASP A 113 -9.68 -0.04 24.48
N HIS A 114 -8.42 0.25 24.74
CA HIS A 114 -8.05 1.23 25.74
C HIS A 114 -7.37 2.43 25.11
N PHE A 115 -7.41 2.47 23.78
CA PHE A 115 -6.84 3.57 23.01
C PHE A 115 -8.00 4.14 22.22
N PRO A 116 -8.81 5.02 22.86
CA PRO A 116 -9.97 5.66 22.23
C PRO A 116 -9.70 6.99 21.56
N LEU A 117 -8.43 7.38 21.47
CA LEU A 117 -8.08 8.68 20.88
C LEU A 117 -8.12 8.76 19.36
N VAL A 118 -8.55 9.91 18.86
CA VAL A 118 -8.65 10.14 17.42
C VAL A 118 -7.36 10.72 16.84
N VAL A 119 -7.30 10.82 15.52
CA VAL A 119 -6.13 11.34 14.82
C VAL A 119 -5.96 12.84 15.01
N PHE A 120 -7.06 13.57 14.94
CA PHE A 120 -7.01 15.02 15.09
C PHE A 120 -7.04 15.35 16.57
N GLN A 121 -5.84 15.31 17.14
CA GLN A 121 -5.57 15.60 18.54
C GLN A 121 -4.39 16.56 18.47
N THR A 122 -3.50 16.53 19.46
CA THR A 122 -2.33 17.41 19.44
C THR A 122 -1.46 16.97 18.25
N GLY A 123 -0.99 17.93 17.46
CA GLY A 123 -0.18 17.62 16.30
C GLY A 123 1.16 16.94 16.54
N SER A 124 1.54 16.76 17.80
CA SER A 124 2.81 16.12 18.14
C SER A 124 2.57 14.67 18.56
N GLY A 125 1.31 14.28 18.65
CA GLY A 125 0.97 12.93 19.06
C GLY A 125 1.08 12.74 20.55
N THR A 126 1.21 13.85 21.29
CA THR A 126 1.36 13.82 22.75
C THR A 126 0.26 13.02 23.48
N GLN A 127 -0.97 13.24 23.04
CA GLN A 127 -2.13 12.60 23.66
C GLN A 127 -2.15 11.06 23.58
N SER A 128 -1.73 10.51 22.44
CA SER A 128 -1.69 9.05 22.26
C SER A 128 -0.49 8.47 22.99
N ASN A 129 0.59 9.23 23.07
CA ASN A 129 1.78 8.77 23.78
C ASN A 129 1.44 8.67 25.26
N MET A 130 0.67 9.64 25.75
CA MET A 130 0.26 9.69 27.16
C MET A 130 -0.80 8.61 27.39
N ASN A 131 -1.50 8.24 26.31
CA ASN A 131 -2.52 7.21 26.36
C ASN A 131 -1.81 5.89 26.59
N ALA A 132 -0.73 5.68 25.84
CA ALA A 132 0.05 4.45 25.95
C ALA A 132 0.61 4.34 27.37
N ASN A 133 1.20 5.43 27.85
CA ASN A 133 1.77 5.48 29.18
C ASN A 133 0.77 5.21 30.29
N GLU A 134 -0.38 5.88 30.26
CA GLU A 134 -1.41 5.68 31.27
C GLU A 134 -1.86 4.22 31.36
N VAL A 135 -2.14 3.59 30.22
CA VAL A 135 -2.59 2.20 30.26
C VAL A 135 -1.50 1.18 30.54
N ILE A 136 -0.29 1.41 30.03
CA ILE A 136 0.83 0.51 30.26
C ILE A 136 1.29 0.67 31.72
N SER A 137 0.81 1.73 32.35
CA SER A 137 1.14 2.01 33.75
C SER A 137 0.13 1.31 34.65
N ASN A 138 -1.15 1.45 34.34
CA ASN A 138 -2.21 0.83 35.13
C ASN A 138 -2.24 -0.68 34.99
N ARG A 139 -1.63 -1.21 33.93
CA ARG A 139 -1.56 -2.65 33.73
C ARG A 139 -0.33 -3.14 34.53
N ALA A 140 0.73 -2.34 34.49
CA ALA A 140 1.97 -2.65 35.19
C ALA A 140 1.67 -2.86 36.68
N ILE A 141 0.84 -1.97 37.24
CA ILE A 141 0.44 -2.01 38.65
C ILE A 141 -0.19 -3.39 38.88
N GLU A 142 -1.32 -3.57 38.21
CA GLU A 142 -2.12 -4.79 38.25
C GLU A 142 -1.29 -6.08 38.28
N ILE A 143 -0.29 -6.17 37.41
CA ILE A 143 0.60 -7.34 37.32
C ILE A 143 1.24 -7.83 38.66
N VAL A 153 4.96 1.87 37.82
CA VAL A 153 3.79 2.51 38.47
C VAL A 153 3.51 3.92 37.95
N HIS A 154 4.55 4.72 37.71
CA HIS A 154 4.37 6.11 37.25
C HIS A 154 4.30 6.34 35.75
N PRO A 155 3.22 6.97 35.28
CA PRO A 155 3.03 7.25 33.85
C PRO A 155 4.15 8.11 33.25
N ASN A 156 4.58 9.13 33.97
CA ASN A 156 5.63 9.99 33.44
C ASN A 156 7.06 9.52 33.77
N ASN A 157 7.37 9.33 35.05
CA ASN A 157 8.72 8.93 35.46
C ASN A 157 9.20 7.55 35.07
N HIS A 158 8.28 6.61 34.91
CA HIS A 158 8.69 5.25 34.55
C HIS A 158 8.58 4.92 33.06
N CYS A 159 7.36 4.88 32.53
CA CYS A 159 7.11 4.56 31.12
C CYS A 159 7.65 5.59 30.13
N ASN A 160 7.56 6.87 30.47
CA ASN A 160 8.06 7.92 29.60
C ASN A 160 9.46 8.36 29.99
N GLN A 161 10.13 7.55 30.80
CA GLN A 161 11.48 7.87 31.24
C GLN A 161 12.44 7.98 30.06
N SER A 162 13.26 9.04 30.10
CA SER A 162 14.26 9.36 29.08
C SER A 162 13.70 9.61 27.66
N GLN A 163 12.46 10.07 27.59
CA GLN A 163 11.81 10.32 26.30
C GLN A 163 10.78 11.44 26.35
N SER A 164 10.55 12.05 25.20
CA SER A 164 9.58 13.14 25.07
C SER A 164 8.45 12.67 24.18
N SER A 165 7.44 13.52 24.01
CA SER A 165 6.31 13.19 23.14
C SER A 165 6.73 13.57 21.72
N ASN A 166 7.88 14.24 21.63
CA ASN A 166 8.40 14.73 20.37
C ASN A 166 9.31 13.78 19.59
N ASP A 167 10.23 13.12 20.29
CA ASP A 167 11.14 12.20 19.63
C ASP A 167 10.49 10.84 19.55
N THR A 168 9.68 10.60 20.60
CA THR A 168 9.01 9.32 20.70
C THR A 168 7.98 9.03 19.61
N PHE A 169 7.09 9.93 19.24
CA PHE A 169 6.03 9.70 18.24
C PHE A 169 6.55 9.39 16.83
N PRO A 170 7.46 10.23 16.29
CA PRO A 170 7.96 9.94 14.94
C PRO A 170 8.78 8.64 14.85
N THR A 171 8.96 7.98 16.00
CA THR A 171 9.69 6.71 16.10
C THR A 171 8.65 5.60 16.00
N VAL A 172 7.46 5.88 16.52
CA VAL A 172 6.37 4.91 16.49
C VAL A 172 5.80 4.86 15.08
N MET A 173 5.91 5.98 14.37
CA MET A 173 5.44 6.12 13.00
C MET A 173 6.27 5.23 12.09
N HIS A 174 7.58 5.38 12.16
CA HIS A 174 8.54 4.61 11.35
C HIS A 174 8.50 3.10 11.59
N ILE A 175 8.34 2.71 12.86
CA ILE A 175 8.26 1.31 13.25
C ILE A 175 7.03 0.65 12.65
N ALA A 176 5.86 1.22 12.93
CA ALA A 176 4.61 0.68 12.41
C ALA A 176 4.63 0.63 10.90
N ALA A 177 4.93 1.76 10.26
CA ALA A 177 4.98 1.83 8.80
C ALA A 177 5.87 0.72 8.24
N SER A 178 7.06 0.57 8.82
CA SER A 178 8.01 -0.44 8.38
C SER A 178 7.43 -1.84 8.51
N LEU A 179 6.68 -2.05 9.59
CA LEU A 179 6.05 -3.34 9.88
C LEU A 179 4.86 -3.64 8.98
N GLN A 180 4.11 -2.62 8.59
CA GLN A 180 2.96 -2.80 7.70
C GLN A 180 3.40 -3.11 6.28
N ILE A 181 4.59 -2.65 5.95
CA ILE A 181 5.12 -2.86 4.63
C ILE A 181 5.85 -4.21 4.52
N GLN A 182 6.80 -4.43 5.41
CA GLN A 182 7.59 -5.67 5.41
C GLN A 182 6.75 -6.91 5.66
N ASN A 183 5.81 -6.80 6.58
CA ASN A 183 4.97 -7.92 6.98
C ASN A 183 3.62 -8.07 6.27
N GLU A 184 3.04 -6.95 5.85
CA GLU A 184 1.73 -6.98 5.20
C GLU A 184 1.75 -6.73 3.72
N LEU A 185 2.17 -5.52 3.34
CA LEU A 185 2.20 -5.12 1.96
C LEU A 185 3.05 -5.98 1.05
N ILE A 186 4.38 -5.79 1.14
CA ILE A 186 5.34 -6.53 0.32
C ILE A 186 4.95 -7.99 0.07
N PRO A 187 4.62 -8.75 1.13
CA PRO A 187 4.22 -10.15 0.99
C PRO A 187 3.08 -10.32 -0.02
N GLU A 188 1.96 -9.63 0.23
CA GLU A 188 0.79 -9.71 -0.64
C GLU A 188 1.01 -9.11 -2.03
N LEU A 189 2.02 -8.25 -2.13
CA LEU A 189 2.38 -7.61 -3.39
C LEU A 189 3.12 -8.61 -4.28
N THR A 190 3.90 -9.49 -3.67
CA THR A 190 4.66 -10.51 -4.38
C THR A 190 3.70 -11.56 -4.95
N ASN A 191 2.70 -11.94 -4.16
CA ASN A 191 1.71 -12.92 -4.59
C ASN A 191 1.01 -12.39 -5.82
N LEU A 192 0.70 -11.10 -5.77
CA LEU A 192 0.02 -10.42 -6.85
C LEU A 192 0.86 -10.52 -8.13
N LYS A 193 2.18 -10.42 -7.98
CA LYS A 193 3.12 -10.51 -9.10
C LYS A 193 3.24 -11.96 -9.60
N ASN A 194 3.27 -12.91 -8.69
CA ASN A 194 3.38 -14.30 -9.09
C ASN A 194 2.12 -14.75 -9.83
N ALA A 195 0.95 -14.42 -9.29
CA ALA A 195 -0.33 -14.78 -9.90
C ALA A 195 -0.46 -14.15 -11.30
N LEU A 196 0.09 -12.95 -11.43
CA LEU A 196 0.09 -12.26 -12.72
C LEU A 196 1.07 -12.93 -13.67
N GLU A 197 2.22 -13.36 -13.16
CA GLU A 197 3.24 -14.02 -13.99
C GLU A 197 2.85 -15.45 -14.45
N ALA A 198 1.99 -16.11 -13.68
CA ALA A 198 1.53 -17.45 -14.01
C ALA A 198 0.70 -17.36 -15.28
N LYS A 199 -0.23 -16.40 -15.28
CA LYS A 199 -1.13 -16.14 -16.40
C LYS A 199 -0.35 -15.63 -17.61
N SER A 200 0.72 -14.88 -17.33
CA SER A 200 1.59 -14.36 -18.37
C SER A 200 2.15 -15.57 -19.10
N LYS A 201 2.58 -16.58 -18.33
CA LYS A 201 3.13 -17.84 -18.86
C LYS A 201 2.03 -18.61 -19.56
N GLU A 202 0.86 -18.62 -18.93
CA GLU A 202 -0.32 -19.31 -19.43
C GLU A 202 -0.88 -18.81 -20.77
N PHE A 203 -0.77 -17.51 -21.02
CA PHE A 203 -1.28 -16.94 -22.27
C PHE A 203 -0.15 -16.59 -23.21
N ASP A 204 1.04 -17.11 -22.95
CA ASP A 204 2.21 -16.80 -23.77
C ASP A 204 2.13 -17.19 -25.25
N HIS A 205 1.27 -18.16 -25.56
CA HIS A 205 1.10 -18.64 -26.94
C HIS A 205 0.04 -17.88 -27.73
N ILE A 206 -0.81 -17.15 -27.01
CA ILE A 206 -1.91 -16.40 -27.62
C ILE A 206 -1.49 -15.07 -28.18
N VAL A 207 -1.60 -14.95 -29.51
CA VAL A 207 -1.24 -13.73 -30.22
C VAL A 207 -2.45 -12.80 -30.30
N LYS A 208 -2.26 -11.53 -29.96
CA LYS A 208 -3.36 -10.56 -29.98
C LYS A 208 -2.93 -9.26 -30.64
N ILE A 209 -3.89 -8.36 -30.86
CA ILE A 209 -3.64 -7.05 -31.48
C ILE A 209 -3.26 -5.99 -30.44
N GLY A 210 -2.31 -5.14 -30.79
CA GLY A 210 -1.89 -4.08 -29.89
C GLY A 210 -2.76 -2.84 -30.07
N ARG A 211 -2.93 -2.05 -29.02
CA ARG A 211 -3.77 -0.86 -29.11
C ARG A 211 -3.19 0.47 -28.63
N THR A 212 -2.54 1.17 -29.55
CA THR A 212 -1.95 2.48 -29.29
C THR A 212 -2.97 3.55 -29.74
N HIS A 213 -3.08 4.64 -28.97
CA HIS A 213 -4.06 5.70 -29.27
C HIS A 213 -5.42 5.04 -29.35
N LEU A 214 -5.55 3.90 -28.67
CA LEU A 214 -6.76 3.08 -28.64
C LEU A 214 -7.06 2.44 -30.00
N GLN A 215 -6.21 2.72 -30.99
CA GLN A 215 -6.35 2.20 -32.34
C GLN A 215 -5.64 0.87 -32.58
N ASP A 216 -5.98 0.22 -33.70
CA ASP A 216 -5.40 -1.06 -34.12
C ASP A 216 -3.90 -0.88 -34.42
N ALA A 217 -3.07 -1.79 -33.90
CA ALA A 217 -1.62 -1.74 -34.11
C ALA A 217 -1.08 -3.14 -34.45
N THR A 218 0.25 -3.27 -34.53
CA THR A 218 0.87 -4.56 -34.82
C THR A 218 0.70 -5.53 -33.62
N PRO A 219 0.78 -6.84 -33.86
CA PRO A 219 0.62 -7.88 -32.83
C PRO A 219 1.66 -8.05 -31.71
N LEU A 220 1.20 -8.75 -30.68
CA LEU A 220 2.01 -9.11 -29.50
C LEU A 220 1.23 -10.20 -28.79
N THR A 221 1.92 -11.02 -28.01
CA THR A 221 1.24 -12.08 -27.29
C THR A 221 0.52 -11.46 -26.10
N LEU A 222 -0.59 -12.07 -25.69
CA LEU A 222 -1.34 -11.60 -24.53
C LEU A 222 -0.47 -11.77 -23.27
N GLY A 223 0.49 -12.69 -23.39
CA GLY A 223 1.40 -12.97 -22.30
C GLY A 223 2.37 -11.81 -22.14
N GLN A 224 2.76 -11.20 -23.26
CA GLN A 224 3.65 -10.04 -23.23
C GLN A 224 2.92 -8.86 -22.64
N GLU A 225 1.62 -8.78 -22.92
CA GLU A 225 0.78 -7.70 -22.40
C GLU A 225 0.79 -7.81 -20.88
N PHE A 226 0.58 -9.03 -20.39
CA PHE A 226 0.57 -9.30 -18.97
C PHE A 226 1.94 -9.25 -18.31
N SER A 227 3.00 -9.28 -19.11
CA SER A 227 4.35 -9.22 -18.55
C SER A 227 4.72 -7.75 -18.29
N GLY A 228 3.86 -6.86 -18.78
CA GLY A 228 4.06 -5.43 -18.58
C GLY A 228 3.44 -5.13 -17.23
N TYR A 229 2.34 -5.82 -16.95
CA TYR A 229 1.64 -5.66 -15.69
C TYR A 229 2.58 -6.21 -14.61
N VAL A 230 3.17 -7.36 -14.88
CA VAL A 230 4.09 -8.01 -13.96
C VAL A 230 5.31 -7.14 -13.62
N GLN A 231 5.86 -6.48 -14.65
CA GLN A 231 7.02 -5.62 -14.46
C GLN A 231 6.67 -4.40 -13.63
N GLN A 232 5.47 -3.86 -13.84
CA GLN A 232 5.02 -2.69 -13.11
C GLN A 232 4.91 -3.06 -11.63
N VAL A 233 4.33 -4.21 -11.37
CA VAL A 233 4.19 -4.69 -10.01
C VAL A 233 5.57 -4.90 -9.37
N GLU A 234 6.48 -5.54 -10.11
CA GLU A 234 7.84 -5.78 -9.63
C GLU A 234 8.54 -4.45 -9.24
N ASN A 235 8.49 -3.48 -10.15
CA ASN A 235 9.09 -2.18 -9.90
C ASN A 235 8.46 -1.57 -8.67
N GLY A 236 7.15 -1.76 -8.53
CA GLY A 236 6.42 -1.22 -7.40
C GLY A 236 6.93 -1.72 -6.07
N ILE A 237 7.29 -3.01 -6.05
CA ILE A 237 7.81 -3.65 -4.84
C ILE A 237 9.15 -3.04 -4.45
N GLN A 238 10.06 -2.91 -5.42
CA GLN A 238 11.38 -2.34 -5.16
C GLN A 238 11.27 -0.89 -4.73
N ARG A 239 10.22 -0.23 -5.19
CA ARG A 239 9.99 1.16 -4.85
C ARG A 239 9.58 1.34 -3.40
N VAL A 240 8.68 0.49 -2.94
CA VAL A 240 8.23 0.57 -1.56
C VAL A 240 9.26 -0.08 -0.63
N ALA A 241 9.95 -1.11 -1.12
CA ALA A 241 10.96 -1.81 -0.34
C ALA A 241 12.12 -0.85 -0.07
N HIS A 242 12.41 -0.01 -1.07
CA HIS A 242 13.48 0.96 -0.96
C HIS A 242 13.14 2.03 0.08
N SER A 243 11.84 2.38 0.16
CA SER A 243 11.41 3.40 1.11
C SER A 243 11.70 3.02 2.54
N LEU A 244 11.80 1.72 2.81
CA LEU A 244 12.10 1.20 4.15
C LEU A 244 13.38 1.82 4.72
N LYS A 245 14.26 2.24 3.80
CA LYS A 245 15.53 2.82 4.17
C LYS A 245 15.43 4.15 4.90
N THR A 246 14.66 5.10 4.39
CA THR A 246 14.51 6.40 5.07
C THR A 246 13.78 6.25 6.39
N LEU A 247 12.96 5.20 6.47
CA LEU A 247 12.19 4.89 7.67
C LEU A 247 13.06 4.17 8.70
N SER A 248 14.17 3.60 8.25
CA SER A 248 15.06 2.88 9.16
C SER A 248 15.67 3.80 10.20
N PHE A 249 15.75 5.10 9.90
CA PHE A 249 16.32 6.08 10.82
C PHE A 249 15.28 6.55 11.83
N LEU A 250 15.56 6.30 13.11
CA LEU A 250 14.67 6.64 14.20
C LEU A 250 15.08 7.87 15.02
N ALA A 251 14.09 8.70 15.34
CA ALA A 251 14.26 9.94 16.12
C ALA A 251 14.59 9.73 17.59
N GLN A 252 13.98 8.72 18.19
CA GLN A 252 14.20 8.42 19.62
C GLN A 252 15.61 8.77 20.06
N GLY A 253 15.69 9.64 21.07
CA GLY A 253 16.97 10.06 21.59
C GLY A 253 17.15 11.56 21.42
N GLY A 254 16.27 12.16 20.62
CA GLY A 254 16.35 13.58 20.38
C GLY A 254 15.46 14.42 21.26
N THR A 255 14.64 13.77 22.07
CA THR A 255 13.72 14.44 22.99
C THR A 255 12.87 15.59 22.44
N ALA A 256 12.81 16.69 23.20
CA ALA A 256 12.00 17.85 22.86
C ALA A 256 12.40 18.70 21.67
N VAL A 257 13.69 18.76 21.34
CA VAL A 257 14.10 19.61 20.23
C VAL A 257 15.16 19.02 19.27
N GLY A 258 15.56 17.78 19.52
CA GLY A 258 16.57 17.14 18.69
C GLY A 258 17.91 17.19 19.40
N THR A 259 17.92 17.94 20.51
CA THR A 259 19.08 18.11 21.37
C THR A 259 19.08 16.92 22.31
N GLY A 260 20.24 16.42 22.68
CA GLY A 260 20.29 15.26 23.55
C GLY A 260 19.73 15.35 24.97
N LEU A 261 19.55 16.58 25.48
CA LEU A 261 19.06 16.83 26.84
C LEU A 261 18.01 15.85 27.40
N ASN A 262 18.15 15.55 28.68
CA ASN A 262 17.28 14.64 29.44
C ASN A 262 17.35 13.19 28.97
N THR A 263 18.50 12.83 28.40
CA THR A 263 18.76 11.49 27.90
C THR A 263 20.20 11.08 28.24
N LYS A 264 20.41 9.80 28.56
CA LYS A 264 21.76 9.34 28.85
C LYS A 264 22.46 9.13 27.52
N PRO A 265 23.79 9.36 27.47
CA PRO A 265 24.55 9.20 26.23
C PRO A 265 24.54 7.77 25.70
N GLY A 266 24.17 7.63 24.43
CA GLY A 266 24.10 6.33 23.80
C GLY A 266 22.72 5.69 23.90
N PHE A 267 21.77 6.41 24.50
CA PHE A 267 20.42 5.88 24.65
C PHE A 267 19.85 5.64 23.25
N ASP A 268 20.10 6.58 22.35
CA ASP A 268 19.62 6.45 20.98
C ASP A 268 20.09 5.12 20.38
N VAL A 269 21.40 4.93 20.32
CA VAL A 269 22.01 3.71 19.77
C VAL A 269 21.54 2.41 20.43
N LYS A 270 21.34 2.45 21.75
CA LYS A 270 20.89 1.28 22.51
C LYS A 270 19.42 1.00 22.23
N ILE A 271 18.59 2.02 22.39
CA ILE A 271 17.15 1.89 22.14
C ILE A 271 16.86 1.48 20.69
N ALA A 272 17.52 2.15 19.73
CA ALA A 272 17.32 1.85 18.31
C ALA A 272 17.86 0.49 17.94
N GLU A 273 18.64 -0.06 18.86
CA GLU A 273 19.26 -1.36 18.68
C GLU A 273 18.31 -2.36 19.32
N GLN A 274 17.80 -1.97 20.48
CA GLN A 274 16.87 -2.81 21.24
C GLN A 274 15.57 -3.01 20.46
N ILE A 275 15.17 -1.98 19.73
CA ILE A 275 13.96 -2.00 18.93
C ILE A 275 14.14 -2.89 17.69
N SER A 276 15.37 -2.91 17.17
CA SER A 276 15.70 -3.73 16.01
C SER A 276 15.58 -5.20 16.38
N LYS A 277 16.00 -5.54 17.60
CA LYS A 277 15.94 -6.93 18.04
C LYS A 277 14.50 -7.32 18.38
N GLU A 278 13.70 -6.33 18.76
CA GLU A 278 12.31 -6.54 19.12
C GLU A 278 11.37 -6.70 17.91
N THR A 279 11.70 -6.00 16.82
CA THR A 279 10.88 -6.04 15.61
C THR A 279 11.29 -7.07 14.56
N GLY A 280 12.58 -7.38 14.51
CA GLY A 280 13.08 -8.34 13.53
C GLY A 280 13.60 -7.60 12.32
N LEU A 281 13.49 -6.27 12.38
CA LEU A 281 13.94 -5.38 11.33
C LEU A 281 15.10 -4.53 11.84
N LYS A 282 15.97 -4.10 10.93
CA LYS A 282 17.12 -3.28 11.28
C LYS A 282 16.77 -1.80 11.23
N PHE A 283 17.01 -1.12 12.35
CA PHE A 283 16.72 0.29 12.48
C PHE A 283 17.95 1.00 13.04
N GLN A 284 18.30 2.14 12.45
CA GLN A 284 19.42 2.97 12.91
C GLN A 284 18.77 4.16 13.58
N THR A 285 19.57 5.03 14.18
CA THR A 285 19.04 6.22 14.81
C THR A 285 19.30 7.37 13.83
N ALA A 286 18.53 8.29 13.89
CA ALA A 286 18.67 9.39 12.94
C ALA A 286 19.97 10.19 13.14
N PRO A 287 20.70 10.41 12.03
CA PRO A 287 21.99 11.11 12.11
C PRO A 287 21.83 12.55 12.57
N ASN A 288 20.76 13.21 12.13
CA ASN A 288 20.45 14.57 12.54
C ASN A 288 19.05 14.56 13.18
N ARG A 289 19.04 14.62 14.51
CA ARG A 289 17.79 14.57 15.25
C ARG A 289 16.85 15.75 15.02
N PHE A 290 17.38 16.86 14.53
CA PHE A 290 16.57 18.03 14.27
C PHE A 290 15.72 17.81 13.03
N GLU A 291 16.37 17.42 11.94
CA GLU A 291 15.70 17.13 10.69
C GLU A 291 14.61 16.09 10.91
N ALA A 292 14.87 15.17 11.84
CA ALA A 292 13.93 14.09 12.18
C ALA A 292 12.65 14.51 12.94
N LEU A 293 12.69 15.65 13.62
CA LEU A 293 11.51 16.13 14.36
C LEU A 293 10.82 17.29 13.60
N ALA A 294 11.63 18.17 13.03
CA ALA A 294 11.13 19.33 12.30
C ALA A 294 10.43 19.00 11.01
N ALA A 295 10.65 17.80 10.49
CA ALA A 295 10.05 17.41 9.22
C ALA A 295 9.95 15.89 9.04
N HIS A 296 8.93 15.47 8.31
CA HIS A 296 8.73 14.05 8.07
C HIS A 296 8.83 13.66 6.60
N ASP A 297 9.92 14.12 5.98
CA ASP A 297 10.21 13.89 4.57
C ASP A 297 10.26 12.41 4.20
N ALA A 298 10.55 11.55 5.19
CA ALA A 298 10.62 10.12 4.96
C ALA A 298 9.24 9.53 4.72
N ILE A 299 8.20 10.26 5.14
CA ILE A 299 6.80 9.83 4.97
C ILE A 299 6.34 10.31 3.61
N VAL A 300 6.77 11.50 3.23
CA VAL A 300 6.42 12.09 1.94
C VAL A 300 7.07 11.27 0.82
N GLU A 301 8.26 10.75 1.07
CA GLU A 301 8.96 9.92 0.08
C GLU A 301 8.21 8.60 -0.11
N CYS A 302 8.09 7.88 1.00
CA CYS A 302 7.41 6.59 1.03
C CYS A 302 6.02 6.69 0.42
N SER A 303 5.30 7.73 0.80
CA SER A 303 3.96 7.93 0.28
C SER A 303 4.06 8.09 -1.23
N GLY A 304 5.10 8.82 -1.68
CA GLY A 304 5.31 9.04 -3.09
C GLY A 304 5.58 7.75 -3.84
N ALA A 305 6.09 6.74 -3.12
CA ALA A 305 6.38 5.44 -3.72
C ALA A 305 5.11 4.62 -3.79
N LEU A 306 4.28 4.75 -2.75
CA LEU A 306 3.01 4.04 -2.71
C LEU A 306 2.12 4.66 -3.79
N ASN A 307 2.29 5.98 -3.96
CA ASN A 307 1.55 6.76 -4.94
C ASN A 307 1.91 6.33 -6.35
N THR A 308 3.18 5.99 -6.57
CA THR A 308 3.62 5.53 -7.87
C THR A 308 3.02 4.15 -8.14
N LEU A 309 2.96 3.32 -7.09
CA LEU A 309 2.39 1.97 -7.17
C LEU A 309 0.92 2.03 -7.54
N ALA A 310 0.19 2.96 -6.95
CA ALA A 310 -1.23 3.15 -7.20
C ALA A 310 -1.51 3.46 -8.68
N CYS A 311 -0.62 4.21 -9.31
CA CYS A 311 -0.75 4.55 -10.73
C CYS A 311 -0.63 3.26 -11.53
N SER A 312 0.37 2.45 -11.17
CA SER A 312 0.63 1.18 -11.85
C SER A 312 -0.53 0.22 -11.76
N LEU A 313 -1.15 0.15 -10.60
CA LEU A 313 -2.29 -0.74 -10.39
C LEU A 313 -3.58 -0.22 -11.02
N PHE A 314 -3.68 1.09 -11.23
CA PHE A 314 -4.89 1.64 -11.85
C PHE A 314 -4.91 1.19 -13.31
N LYS A 315 -3.77 1.33 -13.99
CA LYS A 315 -3.65 0.97 -15.40
C LYS A 315 -3.93 -0.50 -15.66
N ILE A 316 -3.39 -1.37 -14.83
CA ILE A 316 -3.59 -2.81 -14.97
C ILE A 316 -5.07 -3.16 -14.77
N ALA A 317 -5.67 -2.60 -13.72
CA ALA A 317 -7.08 -2.85 -13.41
C ALA A 317 -8.06 -2.32 -14.44
N GLN A 318 -7.74 -1.20 -15.08
CA GLN A 318 -8.64 -0.63 -16.09
C GLN A 318 -8.56 -1.45 -17.38
N ASP A 319 -7.34 -1.89 -17.73
CA ASP A 319 -7.09 -2.69 -18.94
C ASP A 319 -7.90 -3.95 -18.90
N ILE A 320 -7.71 -4.69 -17.82
CA ILE A 320 -8.38 -5.95 -17.62
C ILE A 320 -9.91 -5.84 -17.74
N ARG A 321 -10.49 -4.78 -17.20
CA ARG A 321 -11.94 -4.59 -17.28
C ARG A 321 -12.38 -4.22 -18.68
N TYR A 322 -11.53 -3.52 -19.41
CA TYR A 322 -11.86 -3.17 -20.79
C TYR A 322 -11.67 -4.44 -21.64
N LEU A 323 -10.51 -5.09 -21.47
CA LEU A 323 -10.19 -6.32 -22.17
C LEU A 323 -11.27 -7.37 -21.95
N GLY A 324 -11.82 -7.40 -20.74
CA GLY A 324 -12.85 -8.38 -20.44
C GLY A 324 -14.31 -7.96 -20.64
N SER A 325 -14.56 -6.75 -21.13
CA SER A 325 -15.91 -6.24 -21.34
C SER A 325 -16.69 -6.92 -22.46
N GLY A 326 -18.01 -6.95 -22.33
CA GLY A 326 -18.85 -7.57 -23.34
C GLY A 326 -20.24 -7.92 -22.82
N PRO A 327 -20.82 -9.07 -23.23
CA PRO A 327 -20.22 -10.05 -24.14
C PRO A 327 -20.20 -9.73 -25.64
N ARG A 328 -21.24 -9.05 -26.13
CA ARG A 328 -21.36 -8.76 -27.57
C ARG A 328 -20.89 -7.39 -28.05
N CYS A 329 -20.92 -6.38 -27.17
CA CYS A 329 -20.54 -5.01 -27.55
C CYS A 329 -19.31 -4.48 -26.82
N GLY A 330 -18.25 -5.28 -26.76
CA GLY A 330 -17.04 -4.84 -26.09
C GLY A 330 -15.89 -5.68 -26.61
N TYR A 331 -14.72 -5.54 -26.00
CA TYR A 331 -13.54 -6.29 -26.43
C TYR A 331 -13.68 -7.79 -26.20
N HIS A 332 -14.11 -8.18 -25.00
CA HIS A 332 -14.31 -9.57 -24.61
C HIS A 332 -13.13 -10.48 -24.91
N GLU A 333 -11.92 -9.97 -24.74
CA GLU A 333 -10.70 -10.73 -25.01
C GLU A 333 -10.41 -11.69 -23.88
N LEU A 334 -10.68 -11.24 -22.66
CA LEU A 334 -10.48 -12.03 -21.45
C LEU A 334 -11.86 -12.37 -20.89
N MET A 335 -11.89 -13.37 -20.03
CA MET A 335 -13.13 -13.78 -19.38
C MET A 335 -12.89 -13.70 -17.87
N LEU A 336 -13.54 -12.73 -17.23
CA LEU A 336 -13.40 -12.49 -15.80
C LEU A 336 -14.30 -13.39 -14.94
N PRO A 337 -13.81 -13.81 -13.75
CA PRO A 337 -14.61 -14.67 -12.87
C PRO A 337 -15.91 -13.96 -12.44
N GLU A 338 -16.93 -14.77 -12.18
CA GLU A 338 -18.21 -14.24 -11.75
C GLU A 338 -18.39 -14.52 -10.27
N ASN A 339 -17.71 -13.74 -9.44
CA ASN A 339 -17.81 -13.89 -8.00
C ASN A 339 -19.15 -13.37 -7.45
N GLU A 340 -19.89 -12.66 -8.29
CA GLU A 340 -21.19 -12.12 -7.92
C GLU A 340 -22.33 -12.92 -8.56
N PRO A 341 -23.47 -13.09 -7.84
CA PRO A 341 -24.64 -13.84 -8.34
C PRO A 341 -25.35 -13.16 -9.52
N GLY A 342 -25.39 -13.86 -10.65
CA GLY A 342 -26.04 -13.30 -11.84
C GLY A 342 -27.47 -13.69 -12.13
N SER A 343 -28.23 -12.76 -12.72
CA SER A 343 -29.62 -12.99 -13.07
C SER A 343 -29.69 -13.86 -14.33
N SER A 344 -30.56 -14.86 -14.30
CA SER A 344 -30.74 -15.79 -15.43
C SER A 344 -31.09 -15.11 -16.74
N ILE A 345 -31.85 -14.02 -16.64
CA ILE A 345 -32.28 -13.25 -17.81
C ILE A 345 -31.10 -12.59 -18.53
N MET A 346 -30.00 -12.39 -17.80
CA MET A 346 -28.80 -11.77 -18.36
C MET A 346 -27.64 -12.75 -18.21
N PRO A 347 -27.55 -13.77 -19.08
CA PRO A 347 -26.45 -14.71 -18.94
C PRO A 347 -25.14 -14.12 -19.47
N GLY A 348 -24.01 -14.70 -19.07
CA GLY A 348 -22.73 -14.20 -19.53
C GLY A 348 -22.34 -12.77 -19.15
N LYS A 349 -23.14 -12.11 -18.33
CA LYS A 349 -22.83 -10.76 -17.88
C LYS A 349 -22.12 -10.80 -16.53
N VAL A 350 -20.92 -10.23 -16.49
CA VAL A 350 -20.13 -10.17 -15.27
C VAL A 350 -19.46 -8.82 -15.17
N ASN A 351 -19.82 -8.11 -14.09
CA ASN A 351 -19.26 -6.80 -13.81
C ASN A 351 -17.94 -7.03 -13.10
N PRO A 352 -16.87 -6.37 -13.56
CA PRO A 352 -15.52 -6.47 -13.00
C PRO A 352 -15.46 -5.73 -11.67
N THR A 353 -16.18 -6.26 -10.70
CA THR A 353 -16.27 -5.65 -9.39
C THR A 353 -14.97 -5.61 -8.58
N GLN A 354 -14.02 -6.49 -8.87
CA GLN A 354 -12.75 -6.46 -8.15
C GLN A 354 -11.86 -5.37 -8.76
N ASN A 355 -12.30 -4.88 -9.96
CA ASN A 355 -11.56 -3.85 -10.67
C ASN A 355 -12.05 -2.49 -10.25
N GLU A 356 -13.27 -2.51 -9.93
CA GLU A 356 -13.91 -1.27 -9.54
C GLU A 356 -13.46 -0.92 -8.14
N ALA A 357 -13.38 -1.94 -7.29
CA ALA A 357 -12.97 -1.73 -5.91
C ALA A 357 -11.49 -1.33 -5.83
N LEU A 358 -10.69 -1.91 -6.71
CA LEU A 358 -9.25 -1.65 -6.76
C LEU A 358 -8.96 -0.22 -7.23
N THR A 359 -9.66 0.22 -8.26
CA THR A 359 -9.48 1.57 -8.81
C THR A 359 -9.98 2.64 -7.86
N GLN A 360 -10.96 2.26 -7.03
CA GLN A 360 -11.50 3.19 -6.06
C GLN A 360 -10.46 3.40 -4.97
N VAL A 361 -9.77 2.30 -4.64
CA VAL A 361 -8.72 2.32 -3.63
C VAL A 361 -7.59 3.22 -4.13
N CYS A 362 -7.09 2.91 -5.32
CA CYS A 362 -6.00 3.66 -5.94
C CYS A 362 -6.17 5.17 -5.92
N VAL A 363 -7.36 5.64 -6.23
CA VAL A 363 -7.61 7.07 -6.23
C VAL A 363 -7.46 7.63 -4.81
N GLN A 364 -8.03 6.91 -3.84
CA GLN A 364 -7.98 7.30 -2.43
C GLN A 364 -6.54 7.57 -2.03
N VAL A 365 -5.63 6.75 -2.54
CA VAL A 365 -4.21 6.89 -2.23
C VAL A 365 -3.64 8.15 -2.86
N MET A 366 -4.08 8.46 -4.06
CA MET A 366 -3.61 9.65 -4.74
C MET A 366 -4.01 10.86 -3.90
N GLY A 367 -5.22 10.79 -3.34
CA GLY A 367 -5.72 11.87 -2.50
C GLY A 367 -5.01 11.92 -1.16
N ASN A 368 -4.81 10.76 -0.57
CA ASN A 368 -4.11 10.65 0.70
C ASN A 368 -2.69 11.21 0.57
N ASN A 369 -2.01 10.93 -0.54
CA ASN A 369 -0.66 11.43 -0.77
C ASN A 369 -0.68 12.96 -0.84
N ALA A 370 -1.70 13.49 -1.49
CA ALA A 370 -1.87 14.94 -1.64
C ALA A 370 -1.91 15.53 -0.25
N ALA A 371 -2.78 14.98 0.58
CA ALA A 371 -2.92 15.45 1.95
C ALA A 371 -1.59 15.37 2.70
N ILE A 372 -0.79 14.36 2.37
CA ILE A 372 0.50 14.15 3.01
C ILE A 372 1.58 15.14 2.63
N THR A 373 1.57 15.62 1.38
CA THR A 373 2.60 16.55 0.99
C THR A 373 2.43 17.97 1.56
N PHE A 374 1.20 18.46 1.67
CA PHE A 374 0.98 19.81 2.22
C PHE A 374 1.41 19.80 3.68
N ALA A 375 0.91 18.82 4.41
CA ALA A 375 1.24 18.64 5.82
C ALA A 375 2.75 18.49 5.93
N GLY A 376 3.35 17.88 4.92
CA GLY A 376 4.78 17.65 4.88
C GLY A 376 5.63 18.90 4.70
N SER A 377 5.02 19.99 4.26
CA SER A 377 5.74 21.24 4.07
C SER A 377 5.42 22.20 5.20
N GLN A 378 4.43 21.85 6.03
CA GLN A 378 3.99 22.72 7.12
C GLN A 378 4.71 22.65 8.45
N GLY A 379 5.93 22.11 8.46
CA GLY A 379 6.70 22.04 9.69
C GLY A 379 7.05 23.44 10.15
N GLN A 380 7.14 23.66 11.45
CA GLN A 380 7.44 24.99 11.98
C GLN A 380 8.58 25.01 13.01
N PHE A 381 9.74 25.50 12.58
CA PHE A 381 10.95 25.61 13.40
C PHE A 381 11.49 24.25 13.83
N GLU A 382 11.47 24.00 15.14
CA GLU A 382 11.97 22.76 15.71
C GLU A 382 11.03 21.54 15.67
N LEU A 383 9.74 21.77 15.42
CA LEU A 383 8.79 20.66 15.39
C LEU A 383 7.69 20.77 14.34
N ASN A 384 7.38 19.63 13.72
CA ASN A 384 6.33 19.54 12.72
C ASN A 384 5.14 18.96 13.48
N VAL A 385 4.11 19.78 13.67
CA VAL A 385 2.91 19.38 14.37
C VAL A 385 1.78 18.92 13.45
N PHE A 386 2.13 18.08 12.49
CA PHE A 386 1.17 17.52 11.56
C PHE A 386 1.50 16.02 11.45
N LYS A 387 1.99 15.45 12.56
CA LYS A 387 2.38 14.05 12.60
C LYS A 387 1.21 13.07 12.49
N PRO A 388 0.25 13.13 13.44
CA PRO A 388 -0.90 12.22 13.42
C PRO A 388 -1.58 12.09 12.08
N VAL A 389 -1.89 13.21 11.44
CA VAL A 389 -2.55 13.19 10.16
C VAL A 389 -1.67 12.59 9.05
N MET A 390 -0.36 12.77 9.15
CA MET A 390 0.55 12.21 8.15
C MET A 390 0.69 10.70 8.21
N ILE A 391 1.00 10.16 9.38
CA ILE A 391 1.15 8.72 9.53
C ILE A 391 -0.15 7.92 9.40
N ALA A 392 -1.29 8.59 9.63
CA ALA A 392 -2.60 7.96 9.52
C ALA A 392 -2.89 7.66 8.06
N ASN A 393 -2.83 8.70 7.23
CA ASN A 393 -3.04 8.56 5.79
C ASN A 393 -2.06 7.55 5.20
N LEU A 394 -0.85 7.48 5.77
CA LEU A 394 0.17 6.56 5.28
C LEU A 394 -0.19 5.14 5.65
N LEU A 395 -0.69 4.95 6.87
CA LEU A 395 -1.10 3.65 7.37
C LEU A 395 -2.37 3.22 6.66
N ASN A 396 -3.26 4.17 6.43
CA ASN A 396 -4.52 3.90 5.75
C ASN A 396 -4.27 3.47 4.30
N SER A 397 -3.27 4.07 3.68
CA SER A 397 -2.94 3.73 2.31
C SER A 397 -2.41 2.30 2.25
N ILE A 398 -1.47 1.97 3.13
CA ILE A 398 -0.91 0.62 3.18
C ILE A 398 -1.99 -0.46 3.44
N ARG A 399 -2.90 -0.22 4.38
CA ARG A 399 -3.94 -1.21 4.68
C ARG A 399 -4.79 -1.45 3.46
N LEU A 400 -5.28 -0.35 2.89
CA LEU A 400 -6.14 -0.40 1.73
C LEU A 400 -5.49 -1.12 0.57
N ILE A 401 -4.22 -0.80 0.30
CA ILE A 401 -3.50 -1.44 -0.81
C ILE A 401 -3.41 -2.93 -0.65
N THR A 402 -2.98 -3.36 0.53
CA THR A 402 -2.82 -4.77 0.81
C THR A 402 -4.13 -5.53 0.66
N ASP A 403 -5.20 -4.98 1.23
CA ASP A 403 -6.53 -5.58 1.16
C ASP A 403 -7.03 -5.74 -0.27
N ALA A 404 -6.91 -4.67 -1.06
CA ALA A 404 -7.35 -4.70 -2.46
C ALA A 404 -6.44 -5.55 -3.32
N ALA A 405 -5.15 -5.55 -3.02
CA ALA A 405 -4.18 -6.34 -3.76
C ALA A 405 -4.51 -7.80 -3.55
N TYR A 406 -4.88 -8.15 -2.33
CA TYR A 406 -5.26 -9.51 -2.02
C TYR A 406 -6.57 -9.85 -2.71
N SER A 407 -7.60 -9.07 -2.40
CA SER A 407 -8.92 -9.26 -2.93
C SER A 407 -8.91 -9.40 -4.46
N PHE A 408 -8.12 -8.57 -5.12
CA PHE A 408 -8.02 -8.58 -6.59
C PHE A 408 -7.35 -9.83 -7.15
N ARG A 409 -6.31 -10.30 -6.46
CA ARG A 409 -5.59 -11.49 -6.86
C ARG A 409 -6.56 -12.66 -6.84
N VAL A 410 -6.97 -13.04 -5.62
CA VAL A 410 -7.87 -14.15 -5.38
C VAL A 410 -9.20 -14.07 -6.12
N HIS A 411 -9.89 -12.94 -6.04
CA HIS A 411 -11.19 -12.81 -6.69
C HIS A 411 -11.21 -12.39 -8.14
N CYS A 412 -10.04 -12.21 -8.74
CA CYS A 412 -9.99 -11.83 -10.14
C CYS A 412 -8.87 -12.50 -10.93
N VAL A 413 -7.65 -11.99 -10.83
CA VAL A 413 -6.53 -12.53 -11.57
C VAL A 413 -6.32 -14.04 -11.43
N GLU A 414 -6.53 -14.58 -10.24
CA GLU A 414 -6.34 -16.02 -10.03
C GLU A 414 -7.35 -16.91 -10.73
N GLY A 415 -8.17 -16.32 -11.61
CA GLY A 415 -9.17 -17.10 -12.31
C GLY A 415 -9.50 -16.64 -13.72
N ILE A 416 -8.74 -15.66 -14.20
CA ILE A 416 -8.91 -15.10 -15.53
C ILE A 416 -8.57 -16.16 -16.57
N LYS A 417 -9.36 -16.20 -17.65
CA LYS A 417 -9.10 -17.14 -18.74
C LYS A 417 -9.33 -16.46 -20.06
N ALA A 418 -8.53 -16.81 -21.07
CA ALA A 418 -8.63 -16.21 -22.39
C ALA A 418 -9.73 -16.74 -23.27
N ASN A 419 -10.30 -15.84 -24.08
CA ASN A 419 -11.36 -16.16 -25.03
C ASN A 419 -10.66 -16.25 -26.38
N GLU A 420 -9.95 -17.36 -26.58
CA GLU A 420 -9.18 -17.63 -27.79
C GLU A 420 -9.93 -17.42 -29.11
N PRO A 421 -11.20 -17.87 -29.20
CA PRO A 421 -11.99 -17.71 -30.43
C PRO A 421 -12.27 -16.24 -30.78
N ARG A 422 -12.49 -15.40 -29.76
CA ARG A 422 -12.72 -13.97 -29.96
C ARG A 422 -11.44 -13.31 -30.45
N ILE A 423 -10.34 -13.59 -29.74
CA ILE A 423 -9.02 -13.06 -30.09
C ILE A 423 -8.66 -13.38 -31.53
N HIS A 424 -8.79 -14.64 -31.93
CA HIS A 424 -8.48 -15.04 -33.29
C HIS A 424 -9.42 -14.36 -34.29
N GLU A 425 -10.69 -14.22 -33.90
CA GLU A 425 -11.70 -13.56 -34.74
C GLU A 425 -11.23 -12.16 -35.08
N LEU A 426 -10.86 -11.40 -34.05
CA LEU A 426 -10.38 -10.03 -34.21
C LEU A 426 -9.06 -9.96 -34.94
N LEU A 427 -8.02 -10.99 -34.92
CA LEU A 427 -6.73 -10.98 -35.61
C LEU A 427 -6.84 -11.03 -37.13
N THR A 428 -7.79 -11.89 -37.43
CA THR A 428 -7.83 -11.99 -38.88
C THR A 428 -8.60 -10.83 -39.53
N LYS A 429 -9.49 -10.20 -38.76
CA LYS A 429 -10.27 -9.06 -39.27
C LYS A 429 -9.43 -7.78 -39.44
N SER A 430 -8.33 -7.67 -38.70
CA SER A 430 -7.48 -6.48 -38.80
C SER A 430 -6.61 -6.42 -40.06
N LEU A 431 -6.32 -5.20 -40.50
CA LEU A 431 -5.51 -4.95 -41.69
C LEU A 431 -4.04 -4.73 -41.35
N MET A 432 -3.68 -4.79 -40.07
CA MET A 432 -2.29 -4.54 -39.66
C MET A 432 -1.27 -5.61 -40.07
N LEU A 433 -1.73 -6.83 -40.25
CA LEU A 433 -0.83 -7.91 -40.65
C LEU A 433 -0.55 -7.82 -42.15
N VAL A 434 -0.62 -6.62 -42.70
CA VAL A 434 -0.38 -6.42 -44.13
C VAL A 434 1.11 -6.24 -44.42
N THR A 435 1.88 -5.87 -43.40
CA THR A 435 3.32 -5.66 -43.57
C THR A 435 4.10 -6.97 -43.72
N ALA A 436 3.42 -8.10 -43.56
CA ALA A 436 4.04 -9.40 -43.70
C ALA A 436 4.30 -9.70 -45.17
N LEU A 437 3.37 -9.22 -46.01
CA LEU A 437 3.45 -9.40 -47.45
C LEU A 437 4.49 -8.48 -48.09
N ASN A 438 4.56 -7.23 -47.60
CA ASN A 438 5.48 -6.20 -48.07
C ASN A 438 6.82 -6.64 -48.73
N PRO A 439 7.66 -7.42 -48.02
CA PRO A 439 8.93 -7.83 -48.61
C PRO A 439 8.74 -8.80 -49.79
N LYS A 440 7.76 -9.70 -49.65
CA LYS A 440 7.46 -10.68 -50.68
C LYS A 440 6.19 -10.36 -51.46
N ILE A 441 6.17 -9.14 -52.02
CA ILE A 441 5.04 -8.64 -52.80
C ILE A 441 5.24 -7.21 -53.30
N GLY A 442 5.63 -6.30 -52.39
CA GLY A 442 5.85 -4.90 -52.74
C GLY A 442 4.82 -3.95 -52.14
N TYR A 443 5.25 -2.78 -51.69
CA TYR A 443 4.38 -1.78 -51.06
C TYR A 443 3.08 -1.43 -51.80
N ASP A 444 3.13 -1.38 -53.13
CA ASP A 444 1.96 -1.05 -53.94
C ASP A 444 0.86 -2.11 -53.86
N ALA A 445 1.24 -3.38 -54.05
CA ALA A 445 0.32 -4.50 -53.99
C ALA A 445 -0.29 -4.64 -52.60
N ALA A 446 0.58 -4.60 -51.58
CA ALA A 446 0.16 -4.70 -50.19
C ALA A 446 -0.80 -3.56 -49.81
N SER A 447 -0.69 -2.43 -50.32
CA SER A 447 -1.59 -1.35 -49.95
C SER A 447 -2.90 -1.47 -50.72
N LYS A 448 -2.77 -1.98 -51.97
CA LYS A 448 -3.98 -2.21 -52.72
C LYS A 448 -4.85 -3.23 -51.97
N VAL A 449 -4.19 -4.22 -51.35
CA VAL A 449 -4.89 -5.25 -50.59
C VAL A 449 -5.61 -4.58 -49.42
N ALA A 450 -4.84 -3.80 -48.66
CA ALA A 450 -5.35 -3.06 -47.50
C ALA A 450 -6.41 -2.03 -47.90
N LYS A 451 -6.15 -1.25 -48.95
CA LYS A 451 -7.08 -0.23 -49.44
C LYS A 451 -8.42 -0.85 -49.85
N ASN A 452 -8.36 -1.95 -50.59
CA ASN A 452 -9.54 -2.67 -51.06
C ASN A 452 -10.33 -3.33 -49.90
N ALA A 453 -9.62 -4.09 -49.05
CA ALA A 453 -10.25 -4.78 -47.92
C ALA A 453 -10.96 -3.84 -46.96
N HIS A 454 -10.44 -2.62 -46.84
CA HIS A 454 -11.01 -1.59 -45.97
C HIS A 454 -12.34 -1.09 -46.55
N LYS A 455 -12.30 -0.73 -47.83
CA LYS A 455 -13.48 -0.24 -48.54
C LYS A 455 -14.61 -1.26 -48.59
N LYS A 456 -14.26 -2.52 -48.74
CA LYS A 456 -15.26 -3.60 -48.80
C LYS A 456 -15.65 -4.13 -47.44
N GLY A 457 -14.78 -3.98 -46.45
CA GLY A 457 -15.07 -4.49 -45.12
C GLY A 457 -14.86 -5.99 -45.18
N ILE A 458 -13.78 -6.35 -45.86
CA ILE A 458 -13.40 -7.72 -46.09
C ILE A 458 -11.99 -7.94 -45.51
N THR A 459 -11.60 -9.19 -45.28
CA THR A 459 -10.27 -9.47 -44.72
C THR A 459 -9.17 -9.42 -45.77
N LEU A 460 -7.91 -9.30 -45.30
CA LEU A 460 -6.74 -9.24 -46.17
C LEU A 460 -6.63 -10.46 -47.07
N LYS A 461 -7.00 -11.62 -46.54
CA LYS A 461 -6.94 -12.86 -47.32
C LYS A 461 -7.91 -12.73 -48.49
N GLU A 462 -9.20 -12.54 -48.18
CA GLU A 462 -10.23 -12.39 -49.19
C GLU A 462 -9.86 -11.36 -50.27
N SER A 463 -9.32 -10.22 -49.84
CA SER A 463 -8.92 -9.15 -50.75
C SER A 463 -7.79 -9.55 -51.71
N ALA A 464 -6.76 -10.16 -51.17
CA ALA A 464 -5.63 -10.61 -51.96
C ALA A 464 -6.10 -11.58 -53.03
N LEU A 465 -7.04 -12.43 -52.67
CA LEU A 465 -7.56 -13.44 -53.60
C LEU A 465 -8.40 -12.85 -54.75
N GLU A 466 -9.39 -12.03 -54.44
CA GLU A 466 -10.24 -11.43 -55.48
C GLU A 466 -9.44 -10.52 -56.41
N LEU A 467 -8.30 -10.07 -55.92
CA LEU A 467 -7.39 -9.21 -56.66
C LEU A 467 -6.26 -10.09 -57.18
N GLY A 468 -5.51 -9.50 -58.19
CA GLY A 468 -4.41 -10.27 -58.75
C GLY A 468 -3.19 -10.16 -57.85
N VAL A 469 -3.08 -11.07 -56.70
CA VAL A 469 -2.02 -10.92 -55.70
C VAL A 469 -1.35 -12.26 -55.38
N LEU A 470 -2.01 -13.14 -54.62
CA LEU A 470 -1.44 -14.45 -54.28
C LEU A 470 -2.49 -15.54 -54.05
N THR A 471 -2.06 -16.69 -53.52
CA THR A 471 -2.99 -17.80 -53.26
C THR A 471 -3.23 -18.08 -51.79
N GLU A 472 -4.29 -18.87 -51.51
CA GLU A 472 -4.66 -19.25 -50.16
C GLU A 472 -3.55 -20.06 -49.50
N LYS A 473 -3.12 -21.13 -50.17
CA LYS A 473 -2.05 -22.00 -49.68
C LYS A 473 -0.66 -21.40 -49.83
N GLU A 474 -0.62 -20.07 -49.85
CA GLU A 474 0.63 -19.32 -49.99
C GLU A 474 0.54 -18.10 -49.10
N PHE A 475 -0.69 -17.63 -48.90
CA PHE A 475 -0.93 -16.47 -48.05
C PHE A 475 -0.42 -16.83 -46.65
N ASP A 476 -0.70 -18.06 -46.22
CA ASP A 476 -0.28 -18.57 -44.90
C ASP A 476 1.24 -18.76 -44.86
N GLU A 477 1.82 -19.10 -46.01
CA GLU A 477 3.26 -19.30 -46.11
C GLU A 477 4.02 -18.04 -45.72
N TRP A 478 3.37 -16.89 -45.88
CA TRP A 478 3.99 -15.61 -45.56
C TRP A 478 3.39 -14.82 -44.41
N VAL A 479 2.08 -14.97 -44.16
CA VAL A 479 1.44 -14.23 -43.08
C VAL A 479 1.16 -15.04 -41.80
N VAL A 480 2.22 -15.42 -41.11
CA VAL A 480 2.08 -16.17 -39.88
C VAL A 480 2.19 -15.15 -38.74
N PRO A 481 1.13 -15.04 -37.92
CA PRO A 481 1.09 -14.11 -36.79
C PRO A 481 2.35 -14.15 -35.94
N GLU A 482 2.75 -15.35 -35.52
CA GLU A 482 3.92 -15.56 -34.68
C GLU A 482 5.28 -15.40 -35.35
N HIS A 483 5.31 -14.58 -36.40
CA HIS A 483 6.54 -14.27 -37.13
C HIS A 483 6.78 -12.77 -37.03
N MET A 484 6.23 -12.17 -35.97
CA MET A 484 6.35 -10.74 -35.73
C MET A 484 6.74 -10.49 -34.27
N LEU A 485 7.90 -11.08 -33.95
CA LEU A 485 8.55 -11.03 -32.64
C LEU A 485 7.61 -11.15 -31.45
#